data_1YRA
#
_entry.id   1YRA
#
_cell.length_a   59.190
_cell.length_b   84.950
_cell.length_c   60.200
_cell.angle_alpha   90.00
_cell.angle_beta   95.07
_cell.angle_gamma   90.00
#
_symmetry.space_group_name_H-M   'P 1 21 1'
#
loop_
_entity.id
_entity.type
_entity.pdbx_description
1 polymer 'ATP(GTP)binding protein'
2 non-polymer "GUANOSINE-5'-DIPHOSPHATE"
3 water water
#
_entity_poly.entity_id   1
_entity_poly.type   'polypeptide(L)'
_entity_poly.pdbx_seq_one_letter_code
;MRGSHHHHHHGMASMIVVFVGTAGSGKTTLTGEFGRYLEDNYKVAYVNLDTGVKELPYEPSIDVREFVTVEEIMREGYGP
NGAIVESYDRLMEKFNEYLNKILRLEKENDYVLIDTPGQMETFLFHEFGVRLMENLPYPLVVYISDPEILKKPNDYCFVR
FFALLIDLRLGATTIPALNKVDLLSEEEKERHRKYFEDIDYLTARLKLDPSMQGLMAYKMCSMMTEVLPPVRVLYLSAKT
REGFEDLETLAYEHYCTCGDLT
;
_entity_poly.pdbx_strand_id   A,B
#
loop_
_chem_comp.id
_chem_comp.type
_chem_comp.name
_chem_comp.formula
GDP RNA linking GUANOSINE-5'-DIPHOSPHATE 'C10 H15 N5 O11 P2'
#
# COMPACT_ATOMS: atom_id res chain seq x y z
N MET A 1 -26.83 -25.51 -6.39
CA MET A 1 -25.99 -26.69 -6.73
C MET A 1 -24.96 -26.24 -7.76
N ARG A 2 -23.88 -27.01 -7.94
CA ARG A 2 -22.91 -26.72 -8.99
C ARG A 2 -23.56 -26.62 -10.38
N GLY A 3 -24.68 -27.31 -10.59
CA GLY A 3 -25.34 -27.31 -11.91
C GLY A 3 -26.56 -26.40 -12.02
N SER A 4 -26.92 -25.73 -10.94
CA SER A 4 -28.05 -24.81 -10.96
C SER A 4 -27.79 -23.65 -11.90
N HIS A 5 -28.81 -23.27 -12.64
CA HIS A 5 -28.78 -22.04 -13.37
C HIS A 5 -29.77 -21.10 -12.73
N HIS A 6 -29.31 -20.38 -11.71
CA HIS A 6 -30.14 -19.37 -11.03
C HIS A 6 -30.54 -18.21 -11.94
N HIS A 7 -31.76 -17.73 -11.72
CA HIS A 7 -32.30 -16.68 -12.55
C HIS A 7 -32.10 -15.33 -11.88
N HIS A 8 -31.55 -14.37 -12.62
CA HIS A 8 -31.56 -12.98 -12.21
C HIS A 8 -32.62 -12.18 -12.97
N HIS A 9 -33.45 -11.48 -12.20
CA HIS A 9 -34.44 -10.52 -12.70
C HIS A 9 -33.71 -9.31 -13.31
N HIS A 10 -33.85 -9.09 -14.61
CA HIS A 10 -32.98 -8.13 -15.33
C HIS A 10 -33.05 -6.69 -14.82
N GLY A 11 -34.27 -6.26 -14.52
CA GLY A 11 -34.47 -4.92 -14.01
C GLY A 11 -34.18 -4.80 -12.52
N MET A 12 -33.08 -5.42 -12.07
CA MET A 12 -32.71 -5.40 -10.65
C MET A 12 -31.22 -5.26 -10.34
N ALA A 13 -30.88 -4.27 -9.53
CA ALA A 13 -29.50 -4.05 -9.12
C ALA A 13 -28.88 -5.31 -8.53
N SER A 14 -27.65 -5.60 -8.94
CA SER A 14 -26.88 -6.66 -8.34
C SER A 14 -26.08 -6.16 -7.13
N MET A 15 -25.42 -7.07 -6.45
CA MET A 15 -24.51 -6.70 -5.38
C MET A 15 -23.09 -6.86 -5.93
N ILE A 16 -22.37 -5.76 -6.02
CA ILE A 16 -20.96 -5.82 -6.36
C ILE A 16 -20.09 -5.83 -5.09
N VAL A 17 -19.30 -6.89 -4.95
CA VAL A 17 -18.43 -7.00 -3.82
C VAL A 17 -17.04 -7.10 -4.38
N VAL A 18 -16.16 -6.24 -3.87
CA VAL A 18 -14.82 -6.11 -4.38
C VAL A 18 -13.90 -6.49 -3.24
N PHE A 19 -13.00 -7.43 -3.49
CA PHE A 19 -12.05 -7.85 -2.44
C PHE A 19 -10.68 -7.19 -2.62
N VAL A 20 -10.25 -6.45 -1.60
CA VAL A 20 -8.91 -5.86 -1.66
C VAL A 20 -8.07 -6.20 -0.41
N GLY A 21 -6.78 -6.40 -0.63
CA GLY A 21 -5.88 -6.89 0.43
C GLY A 21 -4.50 -6.94 -0.17
N THR A 22 -3.48 -6.85 0.67
CA THR A 22 -2.13 -7.01 0.15
C THR A 22 -1.98 -8.39 -0.47
N ALA A 23 -1.05 -8.50 -1.43
CA ALA A 23 -0.62 -9.80 -1.97
C ALA A 23 -0.41 -10.83 -0.85
N GLY A 24 -1.14 -11.95 -0.94
CA GLY A 24 -1.01 -13.05 0.02
C GLY A 24 -2.06 -13.11 1.12
N SER A 25 -2.89 -12.07 1.24
CA SER A 25 -3.92 -12.09 2.28
C SER A 25 -5.03 -13.08 1.99
N GLY A 26 -5.16 -13.48 0.72
CA GLY A 26 -6.21 -14.43 0.36
C GLY A 26 -7.33 -13.88 -0.49
N LYS A 27 -7.06 -12.88 -1.33
CA LYS A 27 -8.08 -12.26 -2.18
C LYS A 27 -8.75 -13.26 -3.12
N THR A 28 -7.93 -13.97 -3.87
CA THR A 28 -8.38 -14.90 -4.90
C THR A 28 -9.10 -16.09 -4.29
N THR A 29 -8.63 -16.55 -3.13
CA THR A 29 -9.26 -17.68 -2.45
C THR A 29 -10.61 -17.28 -1.91
N LEU A 30 -10.67 -16.14 -1.24
CA LEU A 30 -11.94 -15.63 -0.75
C LEU A 30 -13.01 -15.40 -1.84
N THR A 31 -12.61 -14.85 -2.98
CA THR A 31 -13.53 -14.67 -4.12
C THR A 31 -14.10 -16.03 -4.57
N GLY A 32 -13.23 -16.99 -4.81
CA GLY A 32 -13.67 -18.29 -5.27
C GLY A 32 -14.63 -18.92 -4.29
N GLU A 33 -14.24 -18.94 -3.02
CA GLU A 33 -15.00 -19.69 -2.02
C GLU A 33 -16.26 -18.97 -1.58
N PHE A 34 -16.19 -17.65 -1.50
CA PHE A 34 -17.39 -16.89 -1.20
C PHE A 34 -18.35 -17.01 -2.40
N GLY A 35 -17.78 -17.01 -3.59
CA GLY A 35 -18.54 -17.35 -4.81
C GLY A 35 -19.30 -18.66 -4.68
N ARG A 36 -18.61 -19.75 -4.35
CA ARG A 36 -19.27 -21.05 -4.23
C ARG A 36 -20.40 -20.98 -3.27
N TYR A 37 -20.12 -20.49 -2.09
CA TYR A 37 -21.11 -20.31 -1.07
C TYR A 37 -22.38 -19.65 -1.62
N LEU A 38 -22.21 -18.56 -2.36
CA LEU A 38 -23.36 -17.80 -2.88
C LEU A 38 -24.07 -18.51 -3.98
N GLU A 39 -23.34 -19.39 -4.66
CA GLU A 39 -23.89 -20.07 -5.82
C GLU A 39 -25.00 -21.04 -5.49
N ASP A 40 -25.07 -21.46 -4.23
CA ASP A 40 -26.18 -22.29 -3.73
C ASP A 40 -27.51 -21.59 -3.93
N ASN A 41 -27.51 -20.26 -3.82
CA ASN A 41 -28.73 -19.48 -3.87
C ASN A 41 -28.76 -18.43 -4.97
N TYR A 42 -27.61 -18.05 -5.50
CA TYR A 42 -27.57 -16.88 -6.36
C TYR A 42 -26.90 -17.13 -7.68
N LYS A 43 -27.26 -16.29 -8.64
CA LYS A 43 -26.52 -16.10 -9.87
C LYS A 43 -25.29 -15.21 -9.63
N VAL A 44 -24.13 -15.85 -9.60
CA VAL A 44 -22.88 -15.15 -9.36
C VAL A 44 -22.02 -15.02 -10.63
N ALA A 45 -21.41 -13.85 -10.81
CA ALA A 45 -20.35 -13.72 -11.81
C ALA A 45 -19.03 -13.30 -11.13
N TYR A 46 -17.91 -13.53 -11.77
CA TYR A 46 -16.60 -13.35 -11.18
C TYR A 46 -15.81 -12.52 -12.15
N VAL A 47 -15.17 -11.47 -11.64
CA VAL A 47 -14.29 -10.64 -12.44
C VAL A 47 -12.88 -10.70 -11.92
N ASN A 48 -11.93 -11.13 -12.75
CA ASN A 48 -10.53 -11.08 -12.39
C ASN A 48 -9.85 -9.84 -12.97
N LEU A 49 -9.43 -8.92 -12.10
CA LEU A 49 -8.64 -7.78 -12.55
C LEU A 49 -7.12 -7.97 -12.43
N ASP A 50 -6.71 -9.16 -12.07
CA ASP A 50 -5.31 -9.44 -11.72
C ASP A 50 -4.62 -10.11 -12.89
N THR A 51 -3.64 -9.40 -13.43
CA THR A 51 -2.88 -9.83 -14.58
C THR A 51 -1.78 -10.82 -14.21
N GLY A 52 -1.48 -10.92 -12.91
CA GLY A 52 -0.37 -11.75 -12.42
C GLY A 52 -0.68 -13.20 -12.04
N VAL A 53 -1.82 -13.40 -11.42
CA VAL A 53 -2.22 -14.71 -10.90
C VAL A 53 -1.99 -15.85 -11.89
N LYS A 54 -1.51 -17.00 -11.39
CA LYS A 54 -1.18 -18.07 -12.31
C LYS A 54 -2.38 -18.97 -12.61
N GLU A 55 -3.22 -19.17 -11.61
CA GLU A 55 -4.41 -19.96 -11.81
C GLU A 55 -5.55 -19.53 -10.89
N LEU A 56 -6.77 -19.76 -11.36
CA LEU A 56 -7.97 -19.31 -10.66
C LEU A 56 -8.76 -20.47 -10.08
N PRO A 57 -9.28 -20.30 -8.86
CA PRO A 57 -10.14 -21.29 -8.24
C PRO A 57 -11.61 -21.08 -8.63
N TYR A 58 -11.87 -20.29 -9.67
CA TYR A 58 -13.24 -20.06 -10.12
C TYR A 58 -13.18 -19.81 -11.63
N GLU A 59 -14.32 -19.89 -12.29
CA GLU A 59 -14.40 -19.58 -13.72
C GLU A 59 -14.80 -18.12 -13.93
N PRO A 60 -13.85 -17.28 -14.38
CA PRO A 60 -14.20 -15.87 -14.50
C PRO A 60 -15.09 -15.55 -15.71
N SER A 61 -16.02 -14.62 -15.55
CA SER A 61 -16.82 -14.15 -16.68
C SER A 61 -16.01 -13.10 -17.40
N ILE A 62 -15.17 -12.39 -16.65
CA ILE A 62 -14.21 -11.45 -17.23
C ILE A 62 -12.83 -11.73 -16.68
N ASP A 63 -11.82 -11.80 -17.58
CA ASP A 63 -10.44 -12.08 -17.20
C ASP A 63 -9.42 -11.22 -17.92
N VAL A 64 -8.85 -10.23 -17.25
CA VAL A 64 -7.89 -9.34 -17.89
C VAL A 64 -6.65 -10.06 -18.46
N ARG A 65 -6.30 -11.21 -17.91
CA ARG A 65 -5.23 -12.07 -18.44
C ARG A 65 -5.50 -12.51 -19.89
N GLU A 66 -6.77 -12.61 -20.28
CA GLU A 66 -7.09 -12.85 -21.69
C GLU A 66 -6.43 -11.79 -22.58
N PHE A 67 -6.32 -10.56 -22.08
CA PHE A 67 -5.74 -9.47 -22.85
C PHE A 67 -4.22 -9.43 -22.74
N VAL A 68 -3.70 -9.51 -21.52
CA VAL A 68 -2.25 -9.52 -21.30
C VAL A 68 -1.93 -10.03 -19.89
N THR A 69 -0.76 -10.68 -19.76
CA THR A 69 -0.32 -11.23 -18.50
C THR A 69 1.03 -10.62 -18.13
N VAL A 70 1.31 -10.56 -16.84
CA VAL A 70 2.60 -10.11 -16.33
C VAL A 70 3.73 -10.96 -16.94
N GLU A 71 3.51 -12.28 -17.02
CA GLU A 71 4.52 -13.20 -17.55
C GLU A 71 4.87 -12.85 -18.99
N GLU A 72 3.85 -12.57 -19.79
CA GLU A 72 4.02 -12.19 -21.17
C GLU A 72 4.87 -10.94 -21.27
N ILE A 73 4.59 -9.98 -20.40
CA ILE A 73 5.32 -8.72 -20.44
C ILE A 73 6.78 -8.91 -20.01
N MET A 74 7.01 -9.75 -19.02
CA MET A 74 8.37 -10.03 -18.58
C MET A 74 9.17 -10.68 -19.72
N ARG A 75 8.49 -11.37 -20.65
CA ARG A 75 9.18 -11.96 -21.80
C ARG A 75 9.79 -10.86 -22.64
N GLU A 76 9.18 -9.68 -22.62
CA GLU A 76 9.71 -8.52 -23.31
C GLU A 76 10.88 -7.90 -22.55
N GLY A 77 11.40 -8.59 -21.55
CA GLY A 77 12.56 -8.10 -20.84
C GLY A 77 12.32 -7.20 -19.63
N TYR A 78 11.05 -6.93 -19.34
CA TYR A 78 10.69 -6.21 -18.10
C TYR A 78 10.94 -7.09 -16.88
N GLY A 79 11.30 -6.47 -15.77
CA GLY A 79 11.27 -7.17 -14.49
C GLY A 79 9.84 -7.36 -14.03
N PRO A 80 9.64 -8.25 -13.05
CA PRO A 80 8.30 -8.51 -12.53
C PRO A 80 7.56 -7.27 -12.09
N ASN A 81 8.18 -6.44 -11.26
CA ASN A 81 7.43 -5.32 -10.71
C ASN A 81 7.16 -4.31 -11.79
N GLY A 82 8.09 -4.22 -12.74
CA GLY A 82 7.91 -3.33 -13.90
C GLY A 82 6.81 -3.86 -14.79
N ALA A 83 6.73 -5.19 -14.90
CA ALA A 83 5.76 -5.84 -15.78
C ALA A 83 4.38 -5.67 -15.22
N ILE A 84 4.30 -5.64 -13.89
CA ILE A 84 3.02 -5.44 -13.20
C ILE A 84 2.46 -4.04 -13.49
N VAL A 85 3.27 -3.03 -13.29
CA VAL A 85 2.82 -1.68 -13.63
C VAL A 85 2.48 -1.54 -15.10
N GLU A 86 3.37 -2.03 -15.94
CA GLU A 86 3.24 -1.92 -17.38
C GLU A 86 1.96 -2.62 -17.79
N SER A 87 1.63 -3.71 -17.09
CA SER A 87 0.45 -4.46 -17.46
C SER A 87 -0.83 -3.65 -17.29
N TYR A 88 -0.88 -2.77 -16.28
CA TYR A 88 -2.05 -1.91 -16.05
C TYR A 88 -2.05 -0.64 -16.92
N ASP A 89 -0.87 -0.22 -17.36
CA ASP A 89 -0.83 0.87 -18.35
C ASP A 89 -1.44 0.38 -19.67
N ARG A 90 -1.12 -0.84 -20.06
CA ARG A 90 -1.75 -1.43 -21.27
C ARG A 90 -3.23 -1.67 -21.14
N LEU A 91 -3.70 -2.20 -20.00
CA LEU A 91 -5.14 -2.46 -19.83
C LEU A 91 -5.92 -1.15 -19.87
N MET A 92 -5.27 -0.09 -19.43
CA MET A 92 -5.90 1.19 -19.33
C MET A 92 -6.34 1.65 -20.71
N GLU A 93 -5.62 1.23 -21.73
CA GLU A 93 -6.01 1.56 -23.10
C GLU A 93 -7.34 0.94 -23.46
N LYS A 94 -7.68 -0.16 -22.80
CA LYS A 94 -8.92 -0.89 -23.06
C LYS A 94 -9.93 -0.66 -21.94
N PHE A 95 -9.88 0.50 -21.29
CA PHE A 95 -10.64 0.74 -20.04
C PHE A 95 -12.16 0.67 -20.21
N ASN A 96 -12.66 1.49 -21.12
CA ASN A 96 -14.07 1.51 -21.44
C ASN A 96 -14.58 0.11 -21.77
N GLU A 97 -13.76 -0.67 -22.45
CA GLU A 97 -14.21 -1.97 -22.87
C GLU A 97 -14.51 -2.83 -21.65
N TYR A 98 -13.58 -2.84 -20.69
CA TYR A 98 -13.78 -3.55 -19.44
C TYR A 98 -14.80 -2.90 -18.54
N LEU A 99 -14.80 -1.57 -18.46
CA LEU A 99 -15.81 -0.93 -17.66
C LEU A 99 -17.16 -1.42 -18.14
N ASN A 100 -17.38 -1.42 -19.46
CA ASN A 100 -18.68 -1.77 -19.98
C ASN A 100 -19.00 -3.26 -19.86
N LYS A 101 -17.98 -4.12 -19.90
CA LYS A 101 -18.28 -5.54 -19.68
C LYS A 101 -18.77 -5.74 -18.25
N ILE A 102 -18.08 -5.12 -17.30
CA ILE A 102 -18.45 -5.25 -15.89
C ILE A 102 -19.84 -4.73 -15.66
N LEU A 103 -20.15 -3.55 -16.21
CA LEU A 103 -21.51 -2.97 -16.13
C LEU A 103 -22.61 -3.87 -16.71
N ARG A 104 -22.33 -4.48 -17.86
CA ARG A 104 -23.21 -5.50 -18.41
C ARG A 104 -23.45 -6.60 -17.36
N LEU A 105 -22.38 -7.15 -16.79
CA LEU A 105 -22.52 -8.24 -15.81
C LEU A 105 -23.45 -7.87 -14.68
N GLU A 106 -23.33 -6.62 -14.24
CA GLU A 106 -24.07 -6.13 -13.11
C GLU A 106 -25.59 -6.11 -13.39
N LYS A 107 -25.96 -6.00 -14.66
CA LYS A 107 -27.35 -6.13 -15.08
C LYS A 107 -27.82 -7.60 -15.10
N GLU A 108 -26.90 -8.55 -15.30
CA GLU A 108 -27.27 -9.94 -15.56
C GLU A 108 -27.11 -10.91 -14.39
N ASN A 109 -26.77 -10.40 -13.20
CA ASN A 109 -26.38 -11.28 -12.10
C ASN A 109 -26.84 -10.74 -10.78
N ASP A 110 -27.04 -11.64 -9.82
CA ASP A 110 -27.38 -11.23 -8.46
C ASP A 110 -26.14 -10.69 -7.80
N TYR A 111 -25.01 -11.37 -8.00
CA TYR A 111 -23.75 -10.95 -7.39
C TYR A 111 -22.66 -10.81 -8.44
N VAL A 112 -21.80 -9.81 -8.26
CA VAL A 112 -20.61 -9.71 -9.09
C VAL A 112 -19.48 -9.51 -8.12
N LEU A 113 -18.56 -10.48 -8.10
CA LEU A 113 -17.41 -10.43 -7.21
C LEU A 113 -16.20 -9.97 -7.98
N ILE A 114 -15.55 -8.91 -7.49
CA ILE A 114 -14.35 -8.46 -8.16
C ILE A 114 -13.10 -8.80 -7.38
N ASP A 115 -12.23 -9.55 -8.07
CA ASP A 115 -10.97 -9.99 -7.52
C ASP A 115 -9.95 -9.03 -8.14
N THR A 116 -9.38 -8.20 -7.27
CA THR A 116 -8.58 -7.05 -7.70
C THR A 116 -7.13 -7.42 -7.93
N PRO A 117 -6.36 -6.50 -8.52
CA PRO A 117 -4.96 -6.80 -8.77
C PRO A 117 -4.26 -7.37 -7.52
N GLY A 118 -3.28 -8.25 -7.74
CA GLY A 118 -2.72 -9.05 -6.64
C GLY A 118 -2.02 -8.15 -5.66
N GLN A 119 -1.50 -7.04 -6.19
CA GLN A 119 -0.85 -6.04 -5.37
C GLN A 119 -1.84 -4.92 -5.17
N MET A 120 -2.29 -4.77 -3.94
CA MET A 120 -3.18 -3.68 -3.57
C MET A 120 -2.75 -2.29 -4.11
N GLU A 121 -1.46 -2.03 -4.23
CA GLU A 121 -1.01 -0.71 -4.67
C GLU A 121 -1.33 -0.42 -6.14
N THR A 122 -1.39 -1.46 -6.96
CA THR A 122 -1.89 -1.27 -8.32
C THR A 122 -3.32 -0.72 -8.26
N PHE A 123 -4.17 -1.36 -7.45
CA PHE A 123 -5.56 -0.95 -7.38
C PHE A 123 -5.75 0.44 -6.79
N LEU A 124 -4.87 0.83 -5.87
CA LEU A 124 -5.04 2.06 -5.11
C LEU A 124 -4.30 3.27 -5.71
N PHE A 125 -3.20 3.02 -6.42
CA PHE A 125 -2.38 4.10 -6.95
C PHE A 125 -2.36 4.13 -8.49
N HIS A 126 -3.07 3.23 -9.13
CA HIS A 126 -3.11 3.26 -10.58
C HIS A 126 -4.51 3.76 -11.02
N GLU A 127 -4.56 4.45 -12.16
CA GLU A 127 -5.77 5.08 -12.66
C GLU A 127 -6.88 4.06 -12.93
N PHE A 128 -6.45 2.84 -13.27
CA PHE A 128 -7.36 1.78 -13.63
C PHE A 128 -8.30 1.43 -12.48
N GLY A 129 -7.73 1.25 -11.30
CA GLY A 129 -8.51 0.89 -10.14
C GLY A 129 -9.49 1.96 -9.72
N VAL A 130 -8.98 3.16 -9.49
CA VAL A 130 -9.80 4.27 -9.04
C VAL A 130 -10.83 4.70 -10.10
N ARG A 131 -10.42 4.74 -11.36
CA ARG A 131 -11.40 5.06 -12.39
C ARG A 131 -12.50 4.01 -12.52
N LEU A 132 -12.17 2.73 -12.41
CA LEU A 132 -13.21 1.70 -12.36
C LEU A 132 -14.15 1.96 -11.19
N MET A 133 -13.57 2.22 -10.03
CA MET A 133 -14.37 2.33 -8.81
C MET A 133 -15.28 3.55 -8.87
N GLU A 134 -14.79 4.68 -9.39
CA GLU A 134 -15.66 5.86 -9.63
C GLU A 134 -16.87 5.53 -10.52
N ASN A 135 -16.81 4.44 -11.25
CA ASN A 135 -17.76 4.24 -12.31
C ASN A 135 -18.67 3.06 -12.07
N LEU A 136 -18.58 2.47 -10.87
CA LEU A 136 -19.40 1.35 -10.50
C LEU A 136 -20.51 1.73 -9.52
N PRO A 137 -21.69 1.12 -9.69
CA PRO A 137 -22.79 1.51 -8.84
C PRO A 137 -22.75 0.93 -7.42
N TYR A 138 -22.44 1.78 -6.43
CA TYR A 138 -22.31 1.38 -5.02
C TYR A 138 -21.58 0.07 -4.78
N PRO A 139 -20.31 -0.03 -5.19
CA PRO A 139 -19.59 -1.25 -4.90
C PRO A 139 -19.22 -1.35 -3.43
N LEU A 140 -19.28 -2.57 -2.93
CA LEU A 140 -18.95 -2.84 -1.54
C LEU A 140 -17.54 -3.40 -1.46
N VAL A 141 -16.66 -2.70 -0.76
CA VAL A 141 -15.28 -3.11 -0.66
C VAL A 141 -15.03 -3.87 0.62
N VAL A 142 -14.47 -5.07 0.46
CA VAL A 142 -14.03 -5.85 1.59
C VAL A 142 -12.52 -5.78 1.64
N TYR A 143 -11.99 -5.06 2.64
CA TYR A 143 -10.55 -4.97 2.82
C TYR A 143 -10.05 -6.03 3.82
N ILE A 144 -9.31 -7.03 3.34
CA ILE A 144 -8.87 -8.12 4.21
C ILE A 144 -7.42 -8.03 4.61
N SER A 145 -7.15 -8.47 5.83
CA SER A 145 -5.81 -8.48 6.36
C SER A 145 -5.43 -9.87 6.88
N ASP A 146 -4.17 -10.23 6.70
CA ASP A 146 -3.61 -11.42 7.29
C ASP A 146 -3.45 -11.11 8.78
N PRO A 147 -4.06 -11.93 9.66
CA PRO A 147 -3.97 -11.57 11.07
C PRO A 147 -2.54 -11.53 11.59
N GLU A 148 -1.61 -12.13 10.86
CA GLU A 148 -0.24 -12.23 11.34
C GLU A 148 0.51 -10.91 11.39
N ILE A 149 -0.10 -9.83 10.90
CA ILE A 149 0.53 -8.51 10.92
C ILE A 149 0.13 -7.76 12.16
N LEU A 150 -0.80 -8.33 12.91
CA LEU A 150 -1.30 -7.69 14.11
C LEU A 150 -0.46 -8.12 15.29
N LYS A 151 0.74 -7.57 15.41
CA LYS A 151 1.64 -7.98 16.47
C LYS A 151 1.66 -6.98 17.64
N LYS A 152 1.42 -5.71 17.37
CA LYS A 152 1.32 -4.72 18.45
C LYS A 152 0.09 -3.84 18.33
N PRO A 153 -0.23 -3.13 19.41
CA PRO A 153 -1.41 -2.29 19.47
C PRO A 153 -1.57 -1.38 18.26
N ASN A 154 -0.52 -0.71 17.82
CA ASN A 154 -0.76 0.30 16.80
C ASN A 154 -1.04 -0.26 15.41
N ASP A 155 -0.68 -1.53 15.22
CA ASP A 155 -1.12 -2.33 14.08
C ASP A 155 -2.64 -2.38 13.95
N TYR A 156 -3.36 -2.42 15.07
CA TYR A 156 -4.82 -2.41 15.02
C TYR A 156 -5.32 -1.06 14.50
N CYS A 157 -4.59 0.00 14.85
CA CYS A 157 -4.93 1.35 14.42
C CYS A 157 -4.50 1.53 12.95
N PHE A 158 -3.36 0.93 12.62
CA PHE A 158 -2.88 0.89 11.24
C PHE A 158 -3.93 0.33 10.27
N VAL A 159 -4.35 -0.92 10.49
CA VAL A 159 -5.38 -1.56 9.68
C VAL A 159 -6.67 -0.73 9.58
N ARG A 160 -7.12 -0.15 10.69
CA ARG A 160 -8.34 0.63 10.70
C ARG A 160 -8.21 1.89 9.85
N PHE A 161 -7.09 2.59 9.98
CA PHE A 161 -6.84 3.81 9.20
C PHE A 161 -6.57 3.52 7.75
N PHE A 162 -5.99 2.35 7.46
CA PHE A 162 -5.80 1.97 6.08
C PHE A 162 -7.13 1.72 5.36
N ALA A 163 -8.06 1.09 6.05
CA ALA A 163 -9.39 0.91 5.49
C ALA A 163 -10.08 2.24 5.18
N LEU A 164 -9.98 3.17 6.12
CA LEU A 164 -10.47 4.54 5.91
C LEU A 164 -9.82 5.16 4.67
N LEU A 165 -8.52 4.92 4.53
CA LEU A 165 -7.76 5.49 3.43
C LEU A 165 -8.32 4.92 2.15
N ILE A 166 -8.62 3.62 2.18
CA ILE A 166 -9.15 2.92 1.02
C ILE A 166 -10.52 3.47 0.68
N ASP A 167 -11.32 3.69 1.71
CA ASP A 167 -12.65 4.26 1.56
C ASP A 167 -12.58 5.68 0.96
N LEU A 168 -11.58 6.46 1.37
CA LEU A 168 -11.36 7.77 0.78
C LEU A 168 -10.95 7.61 -0.68
N ARG A 169 -9.91 6.82 -0.91
CA ARG A 169 -9.33 6.69 -2.23
C ARG A 169 -10.35 6.20 -3.28
N LEU A 170 -11.08 5.15 -2.94
CA LEU A 170 -11.97 4.50 -3.90
C LEU A 170 -13.41 5.01 -3.81
N GLY A 171 -13.69 5.76 -2.75
CA GLY A 171 -15.01 6.38 -2.65
C GLY A 171 -16.08 5.33 -2.54
N ALA A 172 -15.81 4.30 -1.73
CA ALA A 172 -16.70 3.16 -1.57
C ALA A 172 -16.73 2.71 -0.13
N THR A 173 -17.89 2.30 0.34
CA THR A 173 -17.99 1.68 1.67
C THR A 173 -16.95 0.57 1.80
N THR A 174 -15.98 0.76 2.68
CA THR A 174 -14.97 -0.26 2.94
C THR A 174 -15.20 -0.97 4.28
N ILE A 175 -15.23 -2.30 4.22
CA ILE A 175 -15.41 -3.15 5.40
C ILE A 175 -14.07 -3.76 5.73
N PRO A 176 -13.59 -3.52 6.95
CA PRO A 176 -12.32 -4.15 7.29
C PRO A 176 -12.57 -5.55 7.84
N ALA A 177 -11.76 -6.52 7.40
CA ALA A 177 -11.97 -7.88 7.81
C ALA A 177 -10.66 -8.53 8.01
N LEU A 178 -10.67 -9.62 8.78
CA LEU A 178 -9.51 -10.49 8.87
C LEU A 178 -9.78 -11.75 8.04
N ASN A 179 -8.76 -12.24 7.34
CA ASN A 179 -8.85 -13.53 6.69
C ASN A 179 -7.99 -14.53 7.43
N LYS A 180 -8.08 -15.81 7.05
CA LYS A 180 -7.28 -16.85 7.67
C LYS A 180 -7.57 -16.97 9.18
N VAL A 181 -8.79 -16.66 9.60
CA VAL A 181 -9.14 -16.81 11.01
C VAL A 181 -9.14 -18.27 11.46
N ASP A 182 -9.21 -19.19 10.49
CA ASP A 182 -9.08 -20.62 10.76
C ASP A 182 -7.83 -20.95 11.57
N LEU A 183 -6.76 -20.21 11.31
CA LEU A 183 -5.47 -20.45 11.98
C LEU A 183 -5.35 -19.87 13.40
N LEU A 184 -6.35 -19.10 13.83
CA LEU A 184 -6.23 -18.35 15.06
C LEU A 184 -6.58 -19.16 16.31
N SER A 185 -5.57 -19.40 17.15
CA SER A 185 -5.84 -19.83 18.52
C SER A 185 -6.90 -18.87 19.07
N GLU A 186 -7.74 -19.32 19.98
CA GLU A 186 -8.89 -18.50 20.41
C GLU A 186 -8.47 -17.37 21.34
N GLU A 187 -7.28 -17.47 21.92
CA GLU A 187 -6.75 -16.35 22.71
C GLU A 187 -6.43 -15.23 21.72
N GLU A 188 -5.62 -15.56 20.70
CA GLU A 188 -5.35 -14.70 19.55
C GLU A 188 -6.63 -14.05 19.03
N LYS A 189 -7.67 -14.85 18.83
CA LYS A 189 -8.96 -14.37 18.30
C LYS A 189 -9.63 -13.33 19.19
N GLU A 190 -9.55 -13.51 20.50
CA GLU A 190 -10.21 -12.61 21.46
C GLU A 190 -9.42 -11.31 21.68
N ARG A 191 -8.09 -11.42 21.63
CA ARG A 191 -7.22 -10.26 21.64
C ARG A 191 -7.62 -9.31 20.51
N HIS A 192 -7.46 -9.78 19.28
CA HIS A 192 -7.84 -9.03 18.10
C HIS A 192 -9.20 -8.35 18.27
N ARG A 193 -10.20 -9.14 18.69
CA ARG A 193 -11.57 -8.63 18.88
C ARG A 193 -11.61 -7.51 19.89
N LYS A 194 -10.93 -7.72 21.01
CA LYS A 194 -10.96 -6.75 22.11
C LYS A 194 -10.39 -5.42 21.65
N TYR A 195 -9.19 -5.47 21.07
CA TYR A 195 -8.57 -4.30 20.45
C TYR A 195 -9.45 -3.65 19.39
N PHE A 196 -10.03 -4.46 18.50
CA PHE A 196 -10.90 -3.90 17.47
C PHE A 196 -12.24 -3.44 18.04
N GLU A 197 -12.84 -4.23 18.92
CA GLU A 197 -14.20 -3.89 19.39
C GLU A 197 -14.19 -2.79 20.47
N ASP A 198 -13.11 -2.76 21.25
CA ASP A 198 -13.02 -1.90 22.43
C ASP A 198 -12.02 -0.75 22.19
N ILE A 199 -12.44 0.30 21.48
CA ILE A 199 -11.52 1.39 21.15
C ILE A 199 -11.03 2.22 22.35
N ASP A 200 -11.80 2.21 23.44
CA ASP A 200 -11.34 2.79 24.69
C ASP A 200 -10.11 2.00 25.14
N TYR A 201 -10.23 0.67 25.11
CA TYR A 201 -9.16 -0.21 25.51
C TYR A 201 -7.93 -0.05 24.60
N LEU A 202 -8.17 0.03 23.30
CA LEU A 202 -7.08 0.16 22.33
C LEU A 202 -6.32 1.44 22.62
N THR A 203 -7.05 2.54 22.67
CA THR A 203 -6.54 3.87 22.95
C THR A 203 -5.66 3.92 24.21
N ALA A 204 -6.07 3.19 25.24
CA ALA A 204 -5.38 3.13 26.54
C ALA A 204 -4.07 2.40 26.47
N ARG A 205 -4.04 1.32 25.70
CA ARG A 205 -2.81 0.56 25.55
C ARG A 205 -1.81 1.39 24.73
N LEU A 206 -2.32 2.13 23.74
CA LEU A 206 -1.46 3.01 22.95
C LEU A 206 -0.94 4.18 23.79
N LYS A 207 -1.72 4.58 24.79
CA LYS A 207 -1.33 5.60 25.79
C LYS A 207 -0.06 5.20 26.49
N LEU A 208 0.12 3.91 26.77
CA LEU A 208 1.28 3.42 27.49
C LEU A 208 2.58 3.46 26.70
N ASP A 209 2.50 3.41 25.38
CA ASP A 209 3.69 3.41 24.55
C ASP A 209 4.44 4.74 24.68
N PRO A 210 5.71 4.69 25.12
CA PRO A 210 6.44 5.94 25.33
C PRO A 210 7.13 6.44 24.07
N SER A 211 7.23 5.59 23.04
CA SER A 211 7.96 5.92 21.83
C SER A 211 7.41 7.19 21.19
N MET A 212 8.27 7.88 20.41
CA MET A 212 7.85 9.05 19.66
C MET A 212 6.76 8.59 18.73
N GLN A 213 6.94 7.37 18.24
CA GLN A 213 5.99 6.76 17.32
C GLN A 213 4.68 6.36 17.98
N GLY A 214 4.76 5.98 19.25
CA GLY A 214 3.58 5.57 20.01
C GLY A 214 2.64 6.72 20.28
N LEU A 215 3.22 7.88 20.61
CA LEU A 215 2.42 9.07 20.89
C LEU A 215 1.51 9.42 19.71
N MET A 216 2.08 9.37 18.50
CA MET A 216 1.35 9.78 17.29
C MET A 216 0.17 8.89 17.01
N ALA A 217 0.38 7.59 17.11
CA ALA A 217 -0.70 6.61 16.97
C ALA A 217 -1.76 6.76 18.04
N TYR A 218 -1.34 6.88 19.31
CA TYR A 218 -2.28 7.13 20.41
C TYR A 218 -3.17 8.31 20.09
N LYS A 219 -2.53 9.39 19.64
CA LYS A 219 -3.20 10.61 19.24
C LYS A 219 -4.16 10.33 18.09
N MET A 220 -3.61 9.80 17.00
CA MET A 220 -4.39 9.46 15.82
C MET A 220 -5.75 8.82 16.08
N CYS A 221 -5.92 8.12 17.20
CA CYS A 221 -7.25 7.65 17.55
C CYS A 221 -8.16 8.83 17.88
N SER A 222 -8.10 9.86 17.04
CA SER A 222 -9.07 10.95 17.02
C SER A 222 -10.31 10.43 16.27
N MET A 223 -10.13 9.31 15.58
CA MET A 223 -11.23 8.63 14.94
C MET A 223 -12.18 8.19 16.02
N MET A 224 -13.40 8.71 15.98
CA MET A 224 -14.44 8.43 16.97
C MET A 224 -15.23 9.70 17.26
N THR A 225 -15.95 9.68 18.39
CA THR A 225 -16.70 10.86 18.86
C THR A 225 -17.28 11.68 17.72
N GLU A 226 -16.63 12.80 17.43
CA GLU A 226 -17.09 13.69 16.37
C GLU A 226 -16.67 13.17 15.00
N VAL A 227 -17.42 12.19 14.50
CA VAL A 227 -17.23 11.64 13.14
C VAL A 227 -15.94 10.80 12.93
N LEU A 228 -16.13 9.67 12.25
CA LEU A 228 -15.07 8.69 11.90
C LEU A 228 -15.14 7.36 12.68
N PRO A 229 -16.31 7.06 13.29
CA PRO A 229 -16.47 5.97 14.28
C PRO A 229 -16.13 4.56 13.75
N PRO A 230 -15.36 3.80 14.54
CA PRO A 230 -14.86 2.46 14.24
C PRO A 230 -15.95 1.46 13.87
N VAL A 231 -15.95 1.01 12.63
CA VAL A 231 -16.93 0.02 12.20
C VAL A 231 -16.45 -1.40 12.44
N ARG A 232 -17.40 -2.31 12.63
CA ARG A 232 -17.09 -3.66 13.04
C ARG A 232 -16.15 -4.33 12.05
N VAL A 233 -15.10 -4.95 12.57
CA VAL A 233 -14.16 -5.71 11.75
C VAL A 233 -14.72 -7.13 11.56
N LEU A 234 -14.74 -7.62 10.32
CA LEU A 234 -15.27 -8.95 10.03
C LEU A 234 -14.17 -9.98 10.12
N TYR A 235 -14.53 -11.16 10.60
CA TYR A 235 -13.60 -12.26 10.74
C TYR A 235 -13.99 -13.33 9.76
N LEU A 236 -13.14 -13.58 8.79
CA LEU A 236 -13.46 -14.51 7.73
C LEU A 236 -12.47 -15.62 7.63
N SER A 237 -12.94 -16.74 7.09
CA SER A 237 -12.04 -17.76 6.62
C SER A 237 -12.45 -18.25 5.23
N ALA A 238 -11.56 -18.02 4.27
CA ALA A 238 -11.78 -18.42 2.89
C ALA A 238 -11.60 -19.92 2.73
N LYS A 239 -11.09 -20.56 3.77
CA LYS A 239 -10.92 -22.01 3.76
C LYS A 239 -12.16 -22.70 4.32
N THR A 240 -12.73 -22.16 5.40
CA THR A 240 -13.84 -22.82 6.10
C THR A 240 -15.20 -22.13 6.03
N ARG A 241 -15.24 -20.94 5.44
CA ARG A 241 -16.49 -20.17 5.33
C ARG A 241 -16.96 -19.57 6.65
N GLU A 242 -16.10 -19.56 7.65
CA GLU A 242 -16.36 -18.74 8.83
C GLU A 242 -16.53 -17.28 8.41
N GLY A 243 -17.63 -16.66 8.85
CA GLY A 243 -17.93 -15.26 8.55
C GLY A 243 -18.65 -15.00 7.23
N PHE A 244 -18.90 -16.06 6.45
CA PHE A 244 -19.61 -15.91 5.16
C PHE A 244 -21.07 -15.42 5.34
N GLU A 245 -21.76 -15.95 6.34
CA GLU A 245 -23.12 -15.49 6.67
C GLU A 245 -23.13 -14.01 7.03
N ASP A 246 -22.19 -13.61 7.88
CA ASP A 246 -21.95 -12.22 8.22
C ASP A 246 -21.76 -11.38 6.97
N LEU A 247 -20.76 -11.76 6.18
CA LEU A 247 -20.44 -11.00 4.97
C LEU A 247 -21.68 -10.86 4.09
N GLU A 248 -22.36 -11.97 3.88
CA GLU A 248 -23.57 -12.00 3.08
C GLU A 248 -24.66 -11.09 3.61
N THR A 249 -24.82 -11.09 4.92
CA THR A 249 -25.80 -10.21 5.58
C THR A 249 -25.44 -8.74 5.40
N LEU A 250 -24.18 -8.44 5.65
CA LEU A 250 -23.68 -7.07 5.52
C LEU A 250 -23.88 -6.59 4.11
N ALA A 251 -23.63 -7.46 3.15
CA ALA A 251 -23.67 -7.08 1.74
C ALA A 251 -25.10 -6.87 1.26
N TYR A 252 -26.04 -7.62 1.86
CA TYR A 252 -27.46 -7.43 1.56
C TYR A 252 -27.93 -6.12 2.18
N GLU A 253 -27.57 -5.91 3.45
CA GLU A 253 -27.90 -4.67 4.15
C GLU A 253 -27.39 -3.46 3.41
N HIS A 254 -26.10 -3.47 3.07
CA HIS A 254 -25.51 -2.40 2.28
C HIS A 254 -26.32 -2.22 1.02
N TYR A 255 -26.79 -3.34 0.46
CA TYR A 255 -27.57 -3.31 -0.78
C TYR A 255 -28.93 -2.67 -0.60
N CYS A 256 -29.54 -2.87 0.56
CA CYS A 256 -30.84 -2.27 0.85
C CYS A 256 -30.66 -0.77 1.07
N THR A 257 -29.63 -0.43 1.84
CA THR A 257 -29.33 0.97 2.17
C THR A 257 -29.02 1.83 0.93
N CYS A 258 -28.37 1.22 -0.06
CA CYS A 258 -28.14 1.89 -1.35
C CYS A 258 -29.35 1.71 -2.25
N GLY A 259 -29.45 2.54 -3.29
CA GLY A 259 -30.68 2.60 -4.07
C GLY A 259 -31.74 3.20 -3.16
N ASP A 260 -31.43 4.41 -2.68
CA ASP A 260 -32.29 5.17 -1.76
C ASP A 260 -32.03 6.67 -1.96
N MET B 1 36.13 14.23 -3.63
CA MET B 1 35.35 14.05 -4.91
C MET B 1 34.84 12.62 -5.02
N ARG B 2 34.14 12.30 -6.10
CA ARG B 2 33.54 10.97 -6.28
C ARG B 2 34.57 9.83 -6.14
N GLY B 3 35.74 10.04 -6.71
CA GLY B 3 36.81 9.06 -6.66
C GLY B 3 37.53 9.04 -5.33
N SER B 4 37.25 10.01 -4.46
CA SER B 4 37.89 10.04 -3.14
C SER B 4 37.48 8.80 -2.36
N HIS B 5 38.38 8.37 -1.50
CA HIS B 5 38.05 7.38 -0.50
C HIS B 5 37.85 8.11 0.81
N HIS B 6 36.63 8.64 0.93
CA HIS B 6 36.21 9.42 2.06
C HIS B 6 36.32 8.62 3.35
N HIS B 7 36.66 9.31 4.43
CA HIS B 7 36.84 8.63 5.70
C HIS B 7 35.63 8.87 6.57
N HIS B 8 35.04 7.79 7.04
CA HIS B 8 34.01 7.93 8.03
C HIS B 8 34.53 7.58 9.41
N HIS B 9 34.30 8.47 10.36
CA HIS B 9 34.73 8.24 11.73
C HIS B 9 33.81 7.20 12.36
N HIS B 10 34.38 6.02 12.66
CA HIS B 10 33.61 4.87 13.16
C HIS B 10 32.69 5.27 14.31
N GLY B 11 33.22 6.07 15.22
CA GLY B 11 32.41 6.70 16.25
C GLY B 11 31.85 8.04 15.74
N MET B 12 30.85 7.94 14.87
CA MET B 12 30.16 9.08 14.27
C MET B 12 28.99 8.54 13.44
N ALA B 13 27.78 8.86 13.89
CA ALA B 13 26.58 8.30 13.30
C ALA B 13 26.38 8.78 11.86
N SER B 14 25.90 7.87 11.03
CA SER B 14 25.62 8.18 9.64
C SER B 14 24.16 8.58 9.45
N MET B 15 23.80 8.89 8.21
CA MET B 15 22.41 9.16 7.87
C MET B 15 21.90 8.02 7.01
N ILE B 16 20.89 7.34 7.53
CA ILE B 16 20.23 6.31 6.79
C ILE B 16 18.99 6.88 6.12
N VAL B 17 18.96 6.74 4.80
CA VAL B 17 17.87 7.25 4.00
C VAL B 17 17.23 6.08 3.27
N VAL B 18 15.93 5.94 3.48
CA VAL B 18 15.15 4.84 2.95
C VAL B 18 14.16 5.38 1.91
N PHE B 19 14.26 4.88 0.68
CA PHE B 19 13.34 5.33 -0.36
C PHE B 19 12.18 4.34 -0.48
N VAL B 20 10.98 4.86 -0.21
CA VAL B 20 9.76 4.09 -0.30
C VAL B 20 8.80 4.77 -1.27
N GLY B 21 8.09 3.96 -2.04
CA GLY B 21 7.05 4.46 -2.91
C GLY B 21 6.52 3.28 -3.71
N THR B 22 5.26 3.39 -4.14
CA THR B 22 4.67 2.39 -5.03
C THR B 22 5.60 2.08 -6.19
N ALA B 23 5.46 0.86 -6.71
CA ALA B 23 6.25 0.39 -7.83
C ALA B 23 6.09 1.32 -9.03
N GLY B 24 7.22 1.67 -9.64
CA GLY B 24 7.22 2.69 -10.70
C GLY B 24 7.41 4.15 -10.27
N SER B 25 7.36 4.46 -8.97
CA SER B 25 7.54 5.88 -8.53
C SER B 25 8.94 6.47 -8.78
N GLY B 26 9.92 5.59 -8.98
CA GLY B 26 11.31 6.00 -9.17
C GLY B 26 12.26 5.66 -8.02
N LYS B 27 11.97 4.63 -7.24
CA LYS B 27 12.77 4.35 -6.05
C LYS B 27 14.22 4.09 -6.42
N THR B 28 14.41 3.27 -7.45
CA THR B 28 15.73 2.75 -7.77
C THR B 28 16.60 3.81 -8.44
N THR B 29 16.00 4.53 -9.37
CA THR B 29 16.65 5.64 -10.03
C THR B 29 17.02 6.73 -9.02
N LEU B 30 16.10 7.08 -8.11
CA LEU B 30 16.39 8.09 -7.10
C LEU B 30 17.55 7.66 -6.20
N THR B 31 17.48 6.42 -5.72
CA THR B 31 18.54 5.90 -4.87
C THR B 31 19.89 6.01 -5.55
N GLY B 32 19.99 5.49 -6.78
CA GLY B 32 21.23 5.58 -7.54
C GLY B 32 21.69 7.01 -7.72
N GLU B 33 20.83 7.87 -8.25
CA GLU B 33 21.28 9.19 -8.62
C GLU B 33 21.59 10.12 -7.40
N PHE B 34 20.82 10.00 -6.32
CA PHE B 34 21.08 10.76 -5.07
C PHE B 34 22.43 10.35 -4.48
N GLY B 35 22.72 9.05 -4.47
CA GLY B 35 24.01 8.55 -3.99
C GLY B 35 25.20 9.10 -4.79
N ARG B 36 25.03 9.19 -6.10
CA ARG B 36 26.09 9.69 -6.96
C ARG B 36 26.36 11.15 -6.65
N TYR B 37 25.29 11.90 -6.45
CA TYR B 37 25.40 13.28 -5.98
C TYR B 37 26.16 13.36 -4.64
N LEU B 38 25.79 12.49 -3.70
CA LEU B 38 26.39 12.50 -2.37
C LEU B 38 27.85 12.06 -2.40
N GLU B 39 28.20 11.29 -3.43
CA GLU B 39 29.50 10.63 -3.47
C GLU B 39 30.65 11.59 -3.68
N ASP B 40 30.35 12.75 -4.25
CA ASP B 40 31.34 13.81 -4.32
C ASP B 40 31.88 14.18 -2.94
N ASN B 41 31.02 14.23 -1.93
CA ASN B 41 31.46 14.73 -0.62
C ASN B 41 31.41 13.72 0.54
N TYR B 42 30.67 12.63 0.41
CA TYR B 42 30.64 11.68 1.53
C TYR B 42 30.90 10.26 1.10
N LYS B 43 31.14 9.42 2.11
CA LYS B 43 31.23 8.00 1.92
C LYS B 43 29.83 7.39 1.99
N VAL B 44 29.37 6.91 0.83
CA VAL B 44 28.01 6.36 0.66
C VAL B 44 27.97 4.83 0.50
N ALA B 45 27.01 4.21 1.16
CA ALA B 45 26.70 2.80 0.95
C ALA B 45 25.27 2.63 0.33
N TYR B 46 25.08 1.60 -0.49
CA TYR B 46 23.79 1.29 -1.09
C TYR B 46 23.30 -0.09 -0.65
N VAL B 47 22.04 -0.16 -0.19
CA VAL B 47 21.41 -1.42 0.14
C VAL B 47 20.20 -1.67 -0.77
N ASN B 48 20.23 -2.76 -1.53
CA ASN B 48 19.06 -3.17 -2.29
C ASN B 48 18.33 -4.30 -1.61
N LEU B 49 17.09 -4.03 -1.23
CA LEU B 49 16.23 -4.99 -0.55
C LEU B 49 15.16 -5.51 -1.50
N ASP B 50 15.27 -5.19 -2.77
CA ASP B 50 14.24 -5.55 -3.78
C ASP B 50 14.67 -6.81 -4.55
N THR B 51 13.97 -7.91 -4.31
CA THR B 51 14.28 -9.17 -4.97
C THR B 51 13.80 -9.23 -6.41
N GLY B 52 13.20 -8.16 -6.90
CA GLY B 52 12.51 -8.26 -8.19
C GLY B 52 12.93 -7.22 -9.19
N VAL B 53 14.07 -6.60 -8.94
CA VAL B 53 14.57 -5.56 -9.80
C VAL B 53 15.55 -6.22 -10.74
N LYS B 54 15.55 -5.80 -12.00
CA LYS B 54 16.34 -6.48 -13.01
C LYS B 54 17.78 -5.95 -13.08
N GLU B 55 17.95 -4.64 -13.17
CA GLU B 55 19.28 -4.05 -13.11
C GLU B 55 19.38 -2.86 -12.15
N LEU B 56 20.49 -2.75 -11.44
CA LEU B 56 20.72 -1.61 -10.54
C LEU B 56 21.62 -0.57 -11.18
N PRO B 57 21.25 0.71 -11.08
CA PRO B 57 22.06 1.81 -11.59
C PRO B 57 23.21 2.16 -10.63
N TYR B 58 23.43 1.33 -9.63
CA TYR B 58 24.46 1.59 -8.62
C TYR B 58 25.13 0.29 -8.20
N GLU B 59 26.29 0.38 -7.58
CA GLU B 59 26.87 -0.85 -7.07
C GLU B 59 26.43 -0.98 -5.62
N PRO B 60 25.69 -2.06 -5.32
CA PRO B 60 25.23 -2.27 -3.98
C PRO B 60 26.29 -2.85 -3.07
N SER B 61 26.32 -2.40 -1.82
CA SER B 61 27.10 -3.03 -0.80
C SER B 61 26.33 -4.27 -0.34
N ILE B 62 25.02 -4.17 -0.37
CA ILE B 62 24.16 -5.29 0.00
C ILE B 62 23.07 -5.50 -1.06
N ASP B 63 22.88 -6.75 -1.50
CA ASP B 63 21.95 -7.07 -2.59
C ASP B 63 21.27 -8.38 -2.29
N VAL B 64 20.03 -8.30 -1.81
CA VAL B 64 19.28 -9.51 -1.46
C VAL B 64 19.03 -10.44 -2.67
N ARG B 65 19.25 -9.94 -3.90
CA ARG B 65 19.11 -10.80 -5.10
C ARG B 65 20.18 -11.87 -5.19
N GLU B 66 21.18 -11.78 -4.34
CA GLU B 66 22.25 -12.74 -4.41
C GLU B 66 21.85 -14.01 -3.65
N PHE B 67 20.87 -13.85 -2.76
CA PHE B 67 20.23 -14.93 -2.04
C PHE B 67 19.06 -15.54 -2.83
N VAL B 68 18.16 -14.70 -3.37
CA VAL B 68 17.10 -15.14 -4.26
C VAL B 68 16.43 -13.99 -5.06
N THR B 69 15.85 -14.34 -6.21
CA THR B 69 15.12 -13.40 -7.06
C THR B 69 13.67 -13.84 -7.24
N VAL B 70 12.76 -12.91 -7.52
CA VAL B 70 11.37 -13.21 -7.87
C VAL B 70 11.35 -14.12 -9.10
N GLU B 71 12.27 -13.83 -10.01
CA GLU B 71 12.34 -14.56 -11.27
C GLU B 71 12.70 -16.02 -11.07
N GLU B 72 13.74 -16.29 -10.29
CA GLU B 72 14.11 -17.66 -9.90
C GLU B 72 12.94 -18.46 -9.31
N ILE B 73 12.18 -17.81 -8.45
CA ILE B 73 11.06 -18.44 -7.75
C ILE B 73 9.91 -18.73 -8.72
N MET B 74 9.68 -17.82 -9.68
CA MET B 74 8.65 -18.02 -10.69
C MET B 74 8.96 -19.26 -11.55
N ARG B 75 10.24 -19.52 -11.79
CA ARG B 75 10.68 -20.77 -12.44
C ARG B 75 10.28 -21.98 -11.63
N GLU B 76 9.92 -21.80 -10.36
CA GLU B 76 9.42 -22.92 -9.57
C GLU B 76 7.92 -23.13 -9.81
N GLY B 77 7.28 -22.19 -10.50
CA GLY B 77 5.84 -22.32 -10.80
C GLY B 77 4.98 -21.36 -10.01
N TYR B 78 5.63 -20.40 -9.36
CA TYR B 78 4.89 -19.37 -8.67
C TYR B 78 4.50 -18.32 -9.68
N GLY B 79 3.37 -17.66 -9.47
CA GLY B 79 3.05 -16.43 -10.21
C GLY B 79 3.92 -15.30 -9.66
N PRO B 80 3.95 -14.16 -10.37
CA PRO B 80 4.78 -12.97 -9.98
C PRO B 80 4.56 -12.52 -8.53
N ASN B 81 3.29 -12.35 -8.18
CA ASN B 81 2.90 -11.85 -6.88
C ASN B 81 3.09 -12.91 -5.80
N GLY B 82 2.86 -14.17 -6.16
CA GLY B 82 3.14 -15.27 -5.26
C GLY B 82 4.63 -15.36 -4.97
N ALA B 83 5.44 -15.11 -6.00
CA ALA B 83 6.90 -15.21 -5.88
C ALA B 83 7.51 -14.03 -5.08
N ILE B 84 6.81 -12.90 -5.12
CA ILE B 84 7.29 -11.70 -4.48
C ILE B 84 7.16 -11.93 -2.99
N VAL B 85 5.99 -12.40 -2.58
CA VAL B 85 5.76 -12.68 -1.17
C VAL B 85 6.73 -13.78 -0.72
N GLU B 86 6.76 -14.88 -1.46
CA GLU B 86 7.69 -15.98 -1.19
C GLU B 86 9.15 -15.56 -1.05
N SER B 87 9.63 -14.73 -1.97
CA SER B 87 11.01 -14.27 -1.88
C SER B 87 11.32 -13.66 -0.51
N TYR B 88 10.34 -12.95 0.06
CA TYR B 88 10.60 -12.30 1.34
C TYR B 88 10.36 -13.24 2.54
N ASP B 89 9.44 -14.20 2.39
CA ASP B 89 9.31 -15.27 3.39
C ASP B 89 10.66 -15.99 3.55
N ARG B 90 11.27 -16.35 2.42
CA ARG B 90 12.56 -17.03 2.41
C ARG B 90 13.67 -16.13 2.89
N LEU B 91 13.62 -14.87 2.48
CA LEU B 91 14.52 -13.84 3.01
C LEU B 91 14.56 -13.74 4.54
N MET B 92 13.49 -14.16 5.22
CA MET B 92 13.42 -14.00 6.67
C MET B 92 14.37 -14.94 7.39
N GLU B 93 14.73 -16.02 6.71
CA GLU B 93 15.64 -17.01 7.24
C GLU B 93 17.03 -16.40 7.37
N LYS B 94 17.28 -15.39 6.55
CA LYS B 94 18.53 -14.63 6.57
C LYS B 94 18.36 -13.25 7.21
N PHE B 95 17.33 -13.07 8.02
CA PHE B 95 17.07 -11.73 8.58
C PHE B 95 18.21 -11.07 9.40
N ASN B 96 18.74 -11.77 10.40
CA ASN B 96 19.78 -11.19 11.29
C ASN B 96 21.05 -10.88 10.55
N GLU B 97 21.44 -11.81 9.67
CA GLU B 97 22.60 -11.61 8.82
C GLU B 97 22.44 -10.31 8.01
N TYR B 98 21.27 -10.06 7.44
CA TYR B 98 21.05 -8.80 6.70
C TYR B 98 21.00 -7.59 7.62
N LEU B 99 20.26 -7.72 8.72
CA LEU B 99 20.21 -6.68 9.73
C LEU B 99 21.63 -6.31 10.19
N ASN B 100 22.40 -7.32 10.56
CA ASN B 100 23.75 -7.09 11.07
C ASN B 100 24.72 -6.49 10.04
N LYS B 101 24.70 -6.99 8.81
CA LYS B 101 25.43 -6.37 7.71
C LYS B 101 25.12 -4.88 7.51
N ILE B 102 23.83 -4.54 7.54
CA ILE B 102 23.42 -3.13 7.42
C ILE B 102 23.88 -2.34 8.63
N LEU B 103 23.71 -2.91 9.81
CA LEU B 103 24.17 -2.23 11.03
C LEU B 103 25.64 -1.93 10.92
N ARG B 104 26.40 -2.87 10.38
CA ARG B 104 27.81 -2.61 10.12
C ARG B 104 27.96 -1.43 9.17
N LEU B 105 27.20 -1.44 8.07
CA LEU B 105 27.34 -0.39 7.06
C LEU B 105 27.15 1.00 7.66
N GLU B 106 26.19 1.12 8.57
CA GLU B 106 25.91 2.41 9.18
C GLU B 106 27.02 2.87 10.12
N LYS B 107 27.84 1.94 10.62
CA LYS B 107 28.99 2.33 11.46
C LYS B 107 30.16 2.78 10.59
N GLU B 108 30.16 2.36 9.33
CA GLU B 108 31.29 2.56 8.44
C GLU B 108 31.09 3.60 7.34
N ASN B 109 29.92 4.24 7.29
CA ASN B 109 29.63 5.20 6.22
C ASN B 109 28.97 6.48 6.69
N ASP B 110 29.04 7.52 5.86
CA ASP B 110 28.30 8.77 6.07
C ASP B 110 26.79 8.63 5.75
N TYR B 111 26.50 8.06 4.58
CA TYR B 111 25.12 7.76 4.20
C TYR B 111 24.97 6.28 3.88
N VAL B 112 23.89 5.68 4.36
CA VAL B 112 23.44 4.41 3.85
C VAL B 112 22.10 4.64 3.15
N LEU B 113 22.08 4.41 1.83
CA LEU B 113 20.86 4.58 1.06
C LEU B 113 20.22 3.23 0.87
N ILE B 114 18.98 3.10 1.32
CA ILE B 114 18.31 1.83 1.23
C ILE B 114 17.19 1.92 0.18
N ASP B 115 17.24 1.02 -0.77
CA ASP B 115 16.31 0.94 -1.88
C ASP B 115 15.41 -0.21 -1.48
N THR B 116 14.13 0.07 -1.33
CA THR B 116 13.20 -0.91 -0.74
C THR B 116 12.54 -1.79 -1.82
N PRO B 117 11.81 -2.84 -1.39
CA PRO B 117 11.17 -3.72 -2.38
C PRO B 117 10.35 -2.88 -3.36
N GLY B 118 10.17 -3.37 -4.58
CA GLY B 118 9.54 -2.56 -5.62
C GLY B 118 8.09 -2.25 -5.29
N GLN B 119 7.44 -3.23 -4.70
CA GLN B 119 6.07 -3.10 -4.21
C GLN B 119 6.17 -2.63 -2.80
N MET B 120 5.81 -1.39 -2.59
CA MET B 120 5.72 -0.78 -1.28
C MET B 120 5.05 -1.66 -0.24
N GLU B 121 4.03 -2.40 -0.65
CA GLU B 121 3.24 -3.16 0.29
C GLU B 121 4.05 -4.34 0.77
N THR B 122 4.93 -4.84 -0.06
CA THR B 122 5.87 -5.83 0.38
C THR B 122 6.65 -5.36 1.59
N PHE B 123 7.12 -4.11 1.55
CA PHE B 123 7.84 -3.52 2.69
C PHE B 123 6.94 -3.19 3.88
N LEU B 124 5.75 -2.70 3.60
CA LEU B 124 4.86 -2.22 4.66
C LEU B 124 4.12 -3.35 5.39
N PHE B 125 3.91 -4.49 4.72
CA PHE B 125 3.07 -5.54 5.30
C PHE B 125 3.83 -6.80 5.67
N HIS B 126 5.05 -6.93 5.17
CA HIS B 126 5.86 -8.12 5.44
C HIS B 126 6.74 -7.93 6.64
N GLU B 127 6.84 -8.96 7.45
CA GLU B 127 7.70 -8.94 8.65
C GLU B 127 9.12 -8.40 8.37
N PHE B 128 9.67 -8.70 7.18
CA PHE B 128 11.05 -8.33 6.84
C PHE B 128 11.21 -6.83 6.84
N GLY B 129 10.21 -6.12 6.33
CA GLY B 129 10.27 -4.67 6.26
C GLY B 129 10.10 -4.04 7.62
N VAL B 130 9.06 -4.47 8.33
CA VAL B 130 8.74 -3.93 9.64
C VAL B 130 9.88 -4.15 10.65
N ARG B 131 10.37 -5.37 10.77
CA ARG B 131 11.43 -5.68 11.73
C ARG B 131 12.76 -5.01 11.42
N LEU B 132 13.13 -4.94 10.16
CA LEU B 132 14.32 -4.18 9.77
C LEU B 132 14.21 -2.72 10.23
N MET B 133 13.11 -2.06 9.89
CA MET B 133 12.94 -0.65 10.22
C MET B 133 12.98 -0.47 11.75
N GLU B 134 12.39 -1.43 12.45
CA GLU B 134 12.37 -1.51 13.91
C GLU B 134 13.79 -1.47 14.48
N ASN B 135 14.73 -2.09 13.76
CA ASN B 135 16.07 -2.31 14.28
C ASN B 135 17.13 -1.34 13.77
N LEU B 136 16.71 -0.36 12.96
CA LEU B 136 17.66 0.63 12.47
C LEU B 136 17.63 1.91 13.32
N PRO B 137 18.78 2.58 13.43
CA PRO B 137 18.90 3.80 14.24
C PRO B 137 18.41 5.03 13.49
N TYR B 138 17.26 5.54 13.91
CA TYR B 138 16.67 6.75 13.30
C TYR B 138 16.73 6.82 11.76
N PRO B 139 16.18 5.82 11.04
CA PRO B 139 16.27 5.96 9.60
C PRO B 139 15.30 7.06 9.15
N LEU B 140 15.59 7.70 8.03
CA LEU B 140 14.72 8.72 7.51
C LEU B 140 14.09 8.12 6.27
N VAL B 141 12.75 7.98 6.29
CA VAL B 141 12.02 7.48 5.13
C VAL B 141 11.63 8.59 4.15
N VAL B 142 11.92 8.39 2.86
CA VAL B 142 11.41 9.34 1.87
C VAL B 142 10.32 8.71 1.03
N TYR B 143 9.08 9.18 1.21
CA TYR B 143 7.98 8.56 0.48
C TYR B 143 7.65 9.32 -0.80
N ILE B 144 8.09 8.79 -1.94
CA ILE B 144 7.86 9.47 -3.21
C ILE B 144 6.55 9.05 -3.88
N SER B 145 5.94 10.03 -4.54
CA SER B 145 4.75 9.82 -5.34
C SER B 145 5.00 10.24 -6.78
N ASP B 146 4.28 9.61 -7.69
CA ASP B 146 4.16 10.12 -9.02
C ASP B 146 3.12 11.24 -8.98
N PRO B 147 3.49 12.46 -9.43
CA PRO B 147 2.55 13.58 -9.43
C PRO B 147 1.29 13.33 -10.24
N GLU B 148 1.34 12.39 -11.17
CA GLU B 148 0.18 12.03 -11.99
C GLU B 148 -1.07 11.58 -11.20
N ILE B 149 -0.93 11.03 -9.99
CA ILE B 149 -2.14 10.67 -9.22
C ILE B 149 -2.77 11.89 -8.58
N LEU B 150 -2.08 13.02 -8.62
CA LEU B 150 -2.57 14.21 -7.98
C LEU B 150 -3.39 15.04 -8.97
N LYS B 151 -4.69 14.77 -9.02
CA LYS B 151 -5.55 15.37 -10.03
C LYS B 151 -6.54 16.33 -9.37
N LYS B 152 -7.03 15.98 -8.18
CA LYS B 152 -8.01 16.79 -7.46
C LYS B 152 -7.66 16.90 -5.98
N PRO B 153 -8.23 17.90 -5.27
CA PRO B 153 -7.85 18.15 -3.86
C PRO B 153 -7.87 16.92 -2.95
N ASN B 154 -8.86 16.06 -3.12
CA ASN B 154 -8.94 14.82 -2.37
C ASN B 154 -7.68 13.91 -2.51
N ASP B 155 -7.01 13.98 -3.66
CA ASP B 155 -5.82 13.18 -3.95
C ASP B 155 -4.62 13.59 -3.09
N TYR B 156 -4.53 14.89 -2.84
CA TYR B 156 -3.47 15.44 -2.01
C TYR B 156 -3.63 14.94 -0.60
N CYS B 157 -4.88 14.87 -0.13
CA CYS B 157 -5.16 14.33 1.20
C CYS B 157 -4.71 12.88 1.27
N PHE B 158 -5.18 12.08 0.32
CA PHE B 158 -4.86 10.68 0.22
C PHE B 158 -3.36 10.39 0.34
N VAL B 159 -2.57 11.14 -0.40
CA VAL B 159 -1.15 10.92 -0.46
C VAL B 159 -0.43 11.39 0.79
N ARG B 160 -0.94 12.44 1.42
CA ARG B 160 -0.34 12.92 2.68
C ARG B 160 -0.76 12.07 3.88
N PHE B 161 -2.01 11.61 3.88
CA PHE B 161 -2.41 10.68 4.90
C PHE B 161 -1.60 9.38 4.79
N PHE B 162 -1.45 8.86 3.58
CA PHE B 162 -0.64 7.68 3.36
C PHE B 162 0.75 7.77 4.00
N ALA B 163 1.42 8.91 3.81
CA ALA B 163 2.75 9.17 4.35
C ALA B 163 2.70 9.04 5.84
N LEU B 164 1.62 9.59 6.40
CA LEU B 164 1.37 9.48 7.83
C LEU B 164 1.30 8.00 8.19
N LEU B 165 0.58 7.23 7.37
CA LEU B 165 0.44 5.79 7.64
C LEU B 165 1.78 5.07 7.56
N ILE B 166 2.65 5.50 6.67
CA ILE B 166 3.98 4.91 6.60
C ILE B 166 4.73 5.19 7.89
N ASP B 167 4.71 6.43 8.32
CA ASP B 167 5.35 6.85 9.57
C ASP B 167 4.94 5.91 10.68
N LEU B 168 3.64 5.68 10.79
CA LEU B 168 3.05 4.94 11.88
C LEU B 168 3.41 3.47 11.79
N ARG B 169 3.37 2.92 10.59
CA ARG B 169 3.62 1.50 10.41
C ARG B 169 5.10 1.20 10.55
N LEU B 170 5.93 2.11 10.04
CA LEU B 170 7.37 1.90 10.01
C LEU B 170 8.05 2.48 11.25
N GLY B 171 7.34 3.37 11.95
CA GLY B 171 7.88 3.99 13.14
C GLY B 171 9.11 4.82 12.83
N ALA B 172 9.04 5.63 11.77
CA ALA B 172 10.16 6.45 11.36
C ALA B 172 9.65 7.70 10.66
N THR B 173 10.35 8.83 10.86
CA THR B 173 10.03 10.07 10.20
C THR B 173 9.94 9.88 8.69
N THR B 174 8.88 10.40 8.09
CA THR B 174 8.58 10.13 6.70
C THR B 174 8.27 11.42 5.96
N ILE B 175 9.01 11.61 4.88
CA ILE B 175 8.94 12.85 4.15
C ILE B 175 8.18 12.63 2.90
N PRO B 176 6.99 13.21 2.83
CA PRO B 176 6.25 13.07 1.60
C PRO B 176 7.02 13.79 0.52
N ALA B 177 7.16 13.17 -0.63
CA ALA B 177 7.90 13.78 -1.70
C ALA B 177 7.30 13.46 -3.06
N LEU B 178 7.51 14.37 -4.00
CA LEU B 178 7.14 14.10 -5.36
C LEU B 178 8.42 13.79 -6.09
N ASN B 179 8.36 12.77 -6.95
CA ASN B 179 9.49 12.49 -7.80
C ASN B 179 9.03 12.84 -9.19
N LYS B 180 9.93 12.77 -10.15
CA LYS B 180 9.60 13.04 -11.53
C LYS B 180 9.12 14.46 -11.77
N VAL B 181 9.53 15.42 -10.93
CA VAL B 181 9.11 16.82 -11.11
C VAL B 181 9.63 17.45 -12.42
N ASP B 182 10.62 16.82 -13.03
CA ASP B 182 11.17 17.31 -14.29
C ASP B 182 10.14 17.25 -15.42
N LEU B 183 9.13 16.41 -15.26
CA LEU B 183 8.14 16.21 -16.32
C LEU B 183 7.04 17.23 -16.19
N LEU B 184 7.15 18.11 -15.19
CA LEU B 184 6.06 19.01 -14.84
C LEU B 184 6.29 20.40 -15.41
N SER B 185 5.24 20.96 -16.00
CA SER B 185 5.26 22.36 -16.38
C SER B 185 5.32 23.17 -15.10
N GLU B 186 5.75 24.42 -15.21
CA GLU B 186 5.83 25.30 -14.06
C GLU B 186 4.45 25.56 -13.48
N GLU B 187 3.45 25.53 -14.36
CA GLU B 187 2.07 25.69 -13.99
C GLU B 187 1.67 24.47 -13.15
N GLU B 188 1.98 23.28 -13.65
CA GLU B 188 1.72 22.06 -12.88
C GLU B 188 2.42 22.07 -11.52
N LYS B 189 3.71 22.43 -11.51
CA LYS B 189 4.45 22.48 -10.24
C LYS B 189 3.77 23.35 -9.20
N GLU B 190 3.29 24.52 -9.60
CA GLU B 190 2.68 25.44 -8.65
C GLU B 190 1.32 24.96 -8.08
N ARG B 191 0.55 24.22 -8.88
CA ARG B 191 -0.70 23.66 -8.38
C ARG B 191 -0.36 22.65 -7.27
N HIS B 192 0.57 21.76 -7.56
CA HIS B 192 0.98 20.79 -6.59
C HIS B 192 1.44 21.46 -5.30
N ARG B 193 2.15 22.57 -5.43
CA ARG B 193 2.71 23.26 -4.28
C ARG B 193 1.65 23.87 -3.34
N LYS B 194 0.61 24.49 -3.89
CA LYS B 194 -0.39 25.12 -3.00
C LYS B 194 -1.23 24.11 -2.22
N TYR B 195 -1.58 22.99 -2.85
CA TYR B 195 -2.28 21.91 -2.18
C TYR B 195 -1.38 20.98 -1.37
N PHE B 196 -0.22 20.64 -1.93
CA PHE B 196 0.50 19.45 -1.49
C PHE B 196 1.30 19.65 -0.24
N GLU B 197 1.83 20.85 -0.06
CA GLU B 197 2.55 21.15 1.18
C GLU B 197 1.70 22.00 2.09
N ASP B 198 1.05 23.01 1.50
CA ASP B 198 0.31 23.99 2.28
C ASP B 198 -1.02 23.42 2.78
N ILE B 199 -0.99 22.84 3.98
CA ILE B 199 -2.20 22.22 4.53
C ILE B 199 -2.98 23.13 5.49
N ASP B 200 -3.27 24.33 4.99
CA ASP B 200 -4.38 25.14 5.45
C ASP B 200 -5.14 25.41 4.17
N TYR B 201 -4.40 25.55 3.08
CA TYR B 201 -5.04 25.72 1.79
C TYR B 201 -5.65 24.42 1.27
N LEU B 202 -5.17 23.27 1.77
CA LEU B 202 -5.79 21.99 1.44
C LEU B 202 -7.08 21.82 2.25
N THR B 203 -6.93 21.87 3.58
CA THR B 203 -8.05 21.72 4.49
C THR B 203 -9.16 22.69 4.12
N ALA B 204 -8.83 23.98 4.20
CA ALA B 204 -9.72 25.01 3.73
C ALA B 204 -10.47 24.49 2.52
N ARG B 205 -9.72 24.18 1.47
CA ARG B 205 -10.27 23.71 0.19
C ARG B 205 -11.24 22.50 0.32
N LEU B 206 -10.87 21.49 1.11
CA LEU B 206 -11.68 20.27 1.24
C LEU B 206 -12.99 20.58 1.94
N LYS B 207 -12.93 21.60 2.81
CA LYS B 207 -14.08 22.06 3.59
C LYS B 207 -15.21 22.58 2.73
N LEU B 208 -14.87 23.09 1.55
CA LEU B 208 -15.86 23.66 0.63
C LEU B 208 -16.64 22.58 -0.11
N ASP B 209 -16.13 21.36 -0.08
CA ASP B 209 -16.75 20.27 -0.83
C ASP B 209 -17.74 19.53 0.09
N PRO B 210 -19.04 19.71 -0.15
CA PRO B 210 -20.07 19.19 0.76
C PRO B 210 -20.44 17.72 0.53
N SER B 211 -19.76 17.07 -0.41
CA SER B 211 -20.04 15.66 -0.67
C SER B 211 -19.45 14.76 0.41
N MET B 212 -19.90 13.51 0.44
CA MET B 212 -19.43 12.51 1.38
C MET B 212 -17.91 12.41 1.36
N GLN B 213 -17.34 12.27 0.17
CA GLN B 213 -15.91 12.12 0.02
C GLN B 213 -15.17 13.38 0.52
N GLY B 214 -15.66 14.55 0.12
CA GLY B 214 -15.05 15.80 0.51
C GLY B 214 -15.09 15.99 2.01
N LEU B 215 -16.22 15.59 2.60
CA LEU B 215 -16.41 15.62 4.06
C LEU B 215 -15.36 14.77 4.75
N MET B 216 -15.24 13.53 4.29
CA MET B 216 -14.34 12.60 4.92
C MET B 216 -12.90 13.01 4.69
N ALA B 217 -12.60 13.53 3.52
CA ALA B 217 -11.27 14.05 3.23
C ALA B 217 -10.94 15.22 4.16
N TYR B 218 -11.84 16.18 4.22
CA TYR B 218 -11.75 17.30 5.15
C TYR B 218 -11.46 16.81 6.57
N LYS B 219 -12.17 15.78 7.01
CA LYS B 219 -12.01 15.24 8.34
C LYS B 219 -10.63 14.58 8.57
N MET B 220 -10.25 13.68 7.67
CA MET B 220 -8.98 12.99 7.80
C MET B 220 -7.86 14.02 7.75
N CYS B 221 -8.12 15.07 6.99
CA CYS B 221 -7.10 16.07 6.72
C CYS B 221 -6.86 17.00 7.89
N SER B 222 -7.90 17.23 8.68
CA SER B 222 -7.76 18.04 9.86
C SER B 222 -7.11 17.20 10.95
N MET B 223 -7.48 15.93 11.01
CA MET B 223 -6.85 15.01 11.96
C MET B 223 -5.34 14.98 11.78
N MET B 224 -4.89 15.09 10.54
CA MET B 224 -3.47 15.25 10.27
C MET B 224 -2.87 16.49 10.95
N THR B 225 -3.58 17.62 10.88
CA THR B 225 -3.08 18.86 11.50
C THR B 225 -2.69 18.63 12.96
N GLU B 226 -3.65 18.10 13.73
CA GLU B 226 -3.43 17.86 15.15
C GLU B 226 -2.50 16.67 15.41
N VAL B 227 -2.36 15.80 14.43
CA VAL B 227 -1.55 14.58 14.58
C VAL B 227 -0.06 14.80 14.32
N LEU B 228 0.28 15.75 13.45
CA LEU B 228 1.68 16.19 13.33
C LEU B 228 1.80 17.61 12.78
N PRO B 229 2.70 18.41 13.38
CA PRO B 229 3.15 19.70 12.83
C PRO B 229 3.69 19.53 11.41
N PRO B 230 2.83 19.79 10.40
CA PRO B 230 3.06 19.44 9.01
C PRO B 230 4.52 19.52 8.57
N VAL B 231 5.03 18.37 8.13
CA VAL B 231 6.42 18.21 7.69
C VAL B 231 6.68 19.13 6.51
N ARG B 232 7.93 19.23 6.10
CA ARG B 232 8.26 19.85 4.82
C ARG B 232 8.14 18.80 3.74
N VAL B 233 7.62 19.20 2.58
CA VAL B 233 7.49 18.29 1.45
C VAL B 233 8.66 18.48 0.48
N LEU B 234 8.88 17.50 -0.39
CA LEU B 234 9.99 17.57 -1.32
C LEU B 234 9.54 17.40 -2.74
N TYR B 235 10.20 18.13 -3.63
CA TYR B 235 9.95 18.03 -5.07
C TYR B 235 11.25 17.60 -5.72
N LEU B 236 11.39 16.29 -5.96
CA LEU B 236 12.64 15.75 -6.48
C LEU B 236 12.56 15.35 -7.93
N SER B 237 13.70 15.32 -8.57
CA SER B 237 13.84 14.62 -9.84
C SER B 237 15.04 13.69 -9.80
N ALA B 238 14.77 12.39 -9.75
CA ALA B 238 15.80 11.36 -9.84
C ALA B 238 16.62 11.49 -11.12
N LYS B 239 16.08 12.20 -12.09
CA LYS B 239 16.75 12.39 -13.37
C LYS B 239 17.64 13.63 -13.37
N THR B 240 17.08 14.79 -13.09
CA THR B 240 17.84 16.07 -13.14
C THR B 240 18.46 16.55 -11.80
N ARG B 241 18.15 15.90 -10.69
CA ARG B 241 18.76 16.26 -9.40
C ARG B 241 18.10 17.44 -8.69
N GLU B 242 17.07 18.01 -9.30
CA GLU B 242 16.22 18.99 -8.63
C GLU B 242 15.82 18.46 -7.23
N GLY B 243 15.92 19.32 -6.21
CA GLY B 243 15.52 18.96 -4.87
C GLY B 243 16.54 18.21 -4.03
N PHE B 244 17.67 17.84 -4.64
CA PHE B 244 18.73 17.11 -3.92
C PHE B 244 19.28 17.87 -2.72
N GLU B 245 19.55 19.18 -2.89
CA GLU B 245 20.07 20.00 -1.80
C GLU B 245 19.06 20.01 -0.67
N ASP B 246 17.81 20.32 -1.03
CA ASP B 246 16.72 20.24 -0.09
C ASP B 246 16.64 18.88 0.58
N LEU B 247 16.73 17.78 -0.19
CA LEU B 247 16.68 16.47 0.45
C LEU B 247 17.87 16.35 1.38
N GLU B 248 19.01 16.85 0.92
CA GLU B 248 20.27 16.69 1.64
C GLU B 248 20.20 17.46 2.95
N THR B 249 19.59 18.64 2.89
CA THR B 249 19.41 19.50 4.04
C THR B 249 18.46 18.86 5.06
N LEU B 250 17.29 18.41 4.59
CA LEU B 250 16.34 17.75 5.46
C LEU B 250 16.98 16.55 6.17
N ALA B 251 17.87 15.87 5.47
CA ALA B 251 18.53 14.72 6.08
C ALA B 251 19.43 15.21 7.20
N TYR B 252 20.11 16.34 6.98
CA TYR B 252 21.03 16.86 7.98
C TYR B 252 20.31 17.39 9.21
N GLU B 253 19.20 18.07 8.98
CA GLU B 253 18.32 18.52 10.05
C GLU B 253 17.82 17.33 10.87
N HIS B 254 17.26 16.32 10.20
CA HIS B 254 16.86 15.10 10.89
C HIS B 254 18.02 14.57 11.71
N TYR B 255 19.23 14.63 11.15
CA TYR B 255 20.45 14.14 11.80
C TYR B 255 20.76 14.85 13.13
N CYS B 256 20.78 16.17 13.11
CA CYS B 256 20.99 16.96 14.33
C CYS B 256 19.85 16.73 15.31
N THR B 257 18.61 16.76 14.82
CA THR B 257 17.45 16.57 15.69
C THR B 257 17.53 15.24 16.45
N CYS B 258 18.01 14.20 15.78
CA CYS B 258 18.18 12.89 16.40
C CYS B 258 19.47 12.82 17.21
N GLY B 259 20.36 13.80 16.99
CA GLY B 259 21.65 13.86 17.68
C GLY B 259 21.46 14.07 19.17
N ASP B 260 21.23 15.32 19.57
CA ASP B 260 21.08 15.68 20.97
C ASP B 260 20.21 14.66 21.73
N LEU B 261 18.93 14.61 21.37
CA LEU B 261 17.98 13.70 22.00
C LEU B 261 17.04 13.09 20.96
PB GDP C . -4.02 -13.17 -2.86
O1B GDP C . -4.87 -13.46 -4.09
O2B GDP C . -2.62 -12.80 -3.25
O3B GDP C . -4.58 -11.97 -2.15
O3A GDP C . -4.11 -14.38 -1.79
PA GDP C . -4.31 -15.93 -2.20
O1A GDP C . -5.77 -16.29 -2.38
O2A GDP C . -3.45 -16.15 -3.39
O5' GDP C . -3.88 -16.79 -0.90
C5' GDP C . -2.55 -16.76 -0.36
C4' GDP C . -2.29 -18.09 0.34
O4' GDP C . -3.05 -18.10 1.55
C3' GDP C . -2.78 -19.29 -0.46
O3' GDP C . -1.88 -20.39 -0.26
C2' GDP C . -4.10 -19.65 0.15
O2' GDP C . -4.37 -21.05 0.03
C1' GDP C . -3.93 -19.23 1.60
N9 GDP C . -5.19 -18.76 2.21
C8 GDP C . -6.01 -17.82 1.72
N7 GDP C . -7.08 -17.63 2.55
C5 GDP C . -6.94 -18.47 3.58
C6 GDP C . -7.70 -18.78 4.80
O6 GDP C . -8.77 -18.16 5.03
N1 GDP C . -7.20 -19.71 5.62
C2 GDP C . -6.05 -20.38 5.38
N2 GDP C . -5.60 -21.34 6.24
N3 GDP C . -5.31 -20.13 4.27
C4 GDP C . -5.69 -19.21 3.37
PB GDP D . 10.72 1.89 -8.75
O1B GDP D . 12.07 1.38 -8.32
O2B GDP D . 9.87 0.70 -9.19
O3B GDP D . 10.02 2.64 -7.64
O3A GDP D . 10.86 2.93 -9.95
PA GDP D . 12.12 2.77 -10.96
O1A GDP D . 13.37 3.23 -10.26
O2A GDP D . 12.19 1.38 -11.49
O5' GDP D . 11.75 3.82 -12.11
C5' GDP D . 10.50 3.68 -12.80
C4' GDP D . 10.58 4.35 -14.16
O4' GDP D . 10.34 5.75 -13.98
C3' GDP D . 11.95 4.22 -14.80
O3' GDP D . 11.78 3.99 -16.20
C2' GDP D . 12.61 5.57 -14.59
O2' GDP D . 13.51 6.04 -15.62
C1' GDP D . 11.46 6.52 -14.44
N9 GDP D . 11.83 7.55 -13.47
C8 GDP D . 12.24 7.37 -12.19
N7 GDP D . 12.51 8.56 -11.58
C5 GDP D . 12.26 9.54 -12.49
C6 GDP D . 12.33 11.01 -12.52
O6 GDP D . 12.70 11.68 -11.52
N1 GDP D . 11.98 11.62 -13.67
C2 GDP D . 11.59 10.95 -14.76
N2 GDP D . 11.27 11.64 -15.88
N3 GDP D . 11.51 9.60 -14.81
C4 GDP D . 11.83 8.86 -13.72
#